data_1Y1E
#
_entry.id   1Y1E
#
_cell.length_a   61.956
_cell.length_b   110.014
_cell.length_c   43.474
_cell.angle_alpha   90.00
_cell.angle_beta   90.00
_cell.angle_gamma   90.00
#
_symmetry.space_group_name_H-M   'P 21 21 2'
#
loop_
_entity.id
_entity.type
_entity.pdbx_description
1 polymer 'C-alpha-formyglycine-generating enzyme'
2 non-polymer 2-acetamido-2-deoxy-beta-D-glucopyranose
3 non-polymer 'CALCIUM ION'
4 water water
#
_entity_poly.entity_id   1
_entity_poly.type   'polypeptide(L)'
_entity_poly.pdbx_seq_one_letter_code
;EANAPGPVPGERQLAHSKMVPIPAGVFTMGTDDPQIKQDGEAPARRVTIDAFYMDAYEVSNTEFEKFVNSTGYLTEAEKF
GDSFVFEGMLSEQVKTNIQQAVAAAPWWLPVKGANWRHPEGPDSTILHRPDHPVLHVSWNDAVAYCTWAGKRLPTEAEWE
YSCRGGLHNRLFPWGNKLQPKGQHYANIWQGEFPVTNTGEDGFQGTAPVDAFPPNGYGLYNIVGNAWEWTSDWWTVHHSV
EETLNPKGPPSGKDRVKKGGSYMCHRSYCYRYRCAARSQNTPDSSASNLGFRCAADRLPTMDRGSHHHHHH
;
_entity_poly.pdbx_strand_id   X
#
loop_
_chem_comp.id
_chem_comp.type
_chem_comp.name
_chem_comp.formula
CA non-polymer 'CALCIUM ION' 'Ca 2'
NAG D-saccharide, beta linking 2-acetamido-2-deoxy-beta-D-glucopyranose 'C8 H15 N O6'
#
# COMPACT_ATOMS: atom_id res chain seq x y z
N LEU A 14 -12.92 1.99 17.82
CA LEU A 14 -11.95 2.20 16.69
C LEU A 14 -10.77 3.07 17.11
N ALA A 15 -9.58 2.64 16.72
CA ALA A 15 -8.35 3.37 16.96
C ALA A 15 -7.57 3.36 15.65
N HIS A 16 -8.23 3.78 14.58
CA HIS A 16 -7.72 3.54 13.23
C HIS A 16 -6.55 4.47 12.85
N SER A 17 -6.10 5.34 13.77
CA SER A 17 -4.84 6.08 13.54
C SER A 17 -3.73 5.61 14.46
N LYS A 18 -3.97 4.52 15.17
CA LYS A 18 -2.97 3.99 16.10
C LYS A 18 -1.72 3.50 15.38
N MET A 19 -0.58 3.62 16.06
CA MET A 19 0.68 3.19 15.52
C MET A 19 1.22 2.06 16.39
N VAL A 20 2.09 1.25 15.80
CA VAL A 20 2.79 0.19 16.54
C VAL A 20 4.29 0.47 16.47
N PRO A 21 5.02 0.07 17.52
CA PRO A 21 6.45 0.17 17.45
C PRO A 21 7.09 -0.93 16.62
N ILE A 22 7.81 -0.52 15.57
CA ILE A 22 8.54 -1.47 14.75
C ILE A 22 9.93 -1.54 15.34
N PRO A 23 10.39 -2.74 15.76
CA PRO A 23 11.67 -2.79 16.49
C PRO A 23 12.90 -2.54 15.61
N ALA A 24 14.00 -2.06 16.21
CA ALA A 24 15.28 -1.95 15.51
C ALA A 24 15.71 -3.31 14.99
N GLY A 25 16.30 -3.34 13.82
CA GLY A 25 16.77 -4.62 13.32
C GLY A 25 17.52 -4.55 12.02
N VAL A 26 18.01 -5.70 11.62
CA VAL A 26 18.66 -5.87 10.33
C VAL A 26 17.84 -6.90 9.60
N PHE A 27 17.54 -6.64 8.32
CA PHE A 27 16.80 -7.58 7.51
C PHE A 27 17.31 -7.68 6.09
N THR A 28 16.83 -8.70 5.37
CA THR A 28 17.16 -8.88 3.98
C THR A 28 16.02 -8.26 3.16
N MET A 29 16.37 -7.21 2.43
CA MET A 29 15.44 -6.53 1.54
C MET A 29 15.58 -7.10 0.14
N GLY A 30 14.48 -7.19 -0.59
CA GLY A 30 14.50 -7.82 -1.90
C GLY A 30 14.60 -9.33 -1.81
N THR A 31 14.97 -9.95 -2.93
CA THR A 31 15.10 -11.40 -3.00
C THR A 31 16.09 -11.78 -4.08
N ASP A 32 16.85 -12.85 -3.85
CA ASP A 32 17.70 -13.42 -4.89
C ASP A 32 16.93 -14.44 -5.75
N ASP A 33 15.63 -14.60 -5.48
CA ASP A 33 14.73 -15.39 -6.32
C ASP A 33 13.59 -14.51 -6.83
N PRO A 34 13.93 -13.49 -7.64
CA PRO A 34 12.90 -12.55 -8.10
C PRO A 34 11.82 -13.16 -8.99
N GLN A 35 10.57 -12.73 -8.78
CA GLN A 35 9.41 -13.26 -9.50
C GLN A 35 8.94 -12.34 -10.61
N ILE A 36 9.13 -11.03 -10.43
CA ILE A 36 8.94 -10.03 -11.49
C ILE A 36 10.29 -9.34 -11.62
N LYS A 37 11.16 -9.91 -12.46
CA LYS A 37 12.54 -9.43 -12.58
C LYS A 37 12.62 -7.97 -13.04
N GLN A 38 11.73 -7.56 -13.93
CA GLN A 38 11.70 -6.18 -14.43
C GLN A 38 11.59 -5.11 -13.32
N ASP A 39 11.00 -5.48 -12.18
CA ASP A 39 10.75 -4.52 -11.09
C ASP A 39 11.93 -4.32 -10.11
N GLY A 40 13.08 -4.92 -10.39
CA GLY A 40 14.22 -4.76 -9.48
C GLY A 40 14.00 -5.33 -8.07
N GLU A 41 13.40 -6.51 -8.00
CA GLU A 41 13.21 -7.24 -6.75
C GLU A 41 14.53 -7.77 -6.23
N ALA A 42 15.45 -8.00 -7.16
CA ALA A 42 16.79 -8.48 -6.84
C ALA A 42 17.76 -7.31 -6.98
N PRO A 43 18.94 -7.41 -6.35
CA PRO A 43 19.41 -8.48 -5.49
C PRO A 43 18.90 -8.33 -4.07
N ALA A 44 18.88 -9.43 -3.32
CA ALA A 44 18.74 -9.40 -1.87
C ALA A 44 19.88 -8.59 -1.26
N ARG A 45 19.57 -7.79 -0.24
CA ARG A 45 20.59 -6.93 0.37
C ARG A 45 20.23 -6.68 1.82
N ARG A 46 21.24 -6.68 2.69
CA ARG A 46 21.02 -6.52 4.11
C ARG A 46 20.92 -5.05 4.47
N VAL A 47 19.91 -4.71 5.26
CA VAL A 47 19.55 -3.34 5.53
C VAL A 47 19.24 -3.21 6.99
N THR A 48 19.76 -2.14 7.58
CA THR A 48 19.60 -1.90 9.00
C THR A 48 18.62 -0.77 9.21
N ILE A 49 17.63 -1.02 10.04
CA ILE A 49 16.53 -0.08 10.28
C ILE A 49 16.44 0.24 11.75
N ASP A 50 16.46 1.54 12.05
CA ASP A 50 16.33 2.00 13.42
C ASP A 50 14.91 1.86 13.87
N ALA A 51 14.73 1.64 15.16
CA ALA A 51 13.37 1.56 15.71
C ALA A 51 12.52 2.78 15.32
N PHE A 52 11.25 2.54 14.99
CA PHE A 52 10.35 3.61 14.59
C PHE A 52 8.88 3.16 14.75
N TYR A 53 7.92 4.00 14.39
CA TYR A 53 6.50 3.66 14.52
C TYR A 53 5.84 3.57 13.16
N MET A 54 4.94 2.60 12.99
CA MET A 54 4.16 2.44 11.77
C MET A 54 2.68 2.39 12.06
N ASP A 55 1.87 3.07 11.26
CA ASP A 55 0.42 2.92 11.34
C ASP A 55 0.05 1.45 11.25
N ALA A 56 -0.78 0.98 12.18
CA ALA A 56 -1.24 -0.40 12.16
C ALA A 56 -2.15 -0.63 10.92
N TYR A 57 -2.83 0.43 10.51
CA TYR A 57 -3.83 0.39 9.43
C TYR A 57 -3.53 1.32 8.28
N GLU A 58 -4.00 0.92 7.10
CA GLU A 58 -4.13 1.85 5.98
C GLU A 58 -4.98 3.04 6.43
N VAL A 59 -4.66 4.24 5.97
CA VAL A 59 -5.47 5.41 6.31
C VAL A 59 -6.88 5.21 5.72
N SER A 60 -7.91 5.30 6.57
CA SER A 60 -9.29 5.06 6.21
C SER A 60 -9.97 6.32 5.68
N ASN A 61 -11.13 6.14 5.07
CA ASN A 61 -11.94 7.28 4.67
C ASN A 61 -12.25 8.23 5.81
N THR A 62 -12.66 7.68 6.95
CA THR A 62 -12.99 8.48 8.12
C THR A 62 -11.79 9.32 8.59
N GLU A 63 -10.61 8.70 8.64
CA GLU A 63 -9.42 9.39 9.09
C GLU A 63 -9.01 10.46 8.09
N PHE A 64 -9.12 10.17 6.80
CA PHE A 64 -8.80 11.16 5.79
C PHE A 64 -9.80 12.33 5.84
N GLU A 65 -11.07 12.02 6.10
CA GLU A 65 -12.08 13.05 6.23
C GLU A 65 -11.74 14.02 7.39
N LYS A 66 -11.18 13.52 8.49
CA LYS A 66 -10.77 14.39 9.63
C LYS A 66 -9.69 15.40 9.17
N PHE A 67 -8.77 14.91 8.34
CA PHE A 67 -7.74 15.75 7.68
C PHE A 67 -8.37 16.82 6.81
N VAL A 68 -9.27 16.40 5.93
CA VAL A 68 -9.91 17.34 4.99
C VAL A 68 -10.80 18.34 5.74
N ASN A 69 -11.52 17.86 6.75
CA ASN A 69 -12.30 18.75 7.60
C ASN A 69 -11.45 19.84 8.23
N SER A 70 -10.27 19.46 8.71
CA SER A 70 -9.39 20.36 9.40
C SER A 70 -8.72 21.39 8.46
N THR A 71 -8.28 20.92 7.29
CA THR A 71 -7.38 21.72 6.45
C THR A 71 -8.09 22.31 5.23
N GLY A 72 -9.22 21.71 4.87
CA GLY A 72 -9.90 22.04 3.60
C GLY A 72 -9.19 21.48 2.37
N TYR A 73 -8.23 20.57 2.58
CA TYR A 73 -7.38 20.04 1.50
C TYR A 73 -8.18 19.45 0.31
N LEU A 74 -7.86 19.91 -0.89
CA LEU A 74 -8.44 19.35 -2.10
C LEU A 74 -7.37 18.50 -2.80
N THR A 75 -7.73 17.23 -3.03
CA THR A 75 -6.80 16.24 -3.57
C THR A 75 -6.54 16.50 -5.04
N GLU A 76 -5.42 16.00 -5.52
CA GLU A 76 -5.03 16.22 -6.91
C GLU A 76 -6.06 15.66 -7.92
N ALA A 77 -6.65 14.50 -7.63
CA ALA A 77 -7.75 13.97 -8.45
C ALA A 77 -8.95 14.93 -8.55
N GLU A 78 -9.27 15.60 -7.44
CA GLU A 78 -10.38 16.54 -7.44
C GLU A 78 -10.11 17.76 -8.33
N LYS A 79 -8.87 18.20 -8.33
CA LYS A 79 -8.43 19.37 -9.08
C LYS A 79 -8.27 19.03 -10.57
N PHE A 80 -7.66 17.87 -10.86
CA PHE A 80 -7.59 17.32 -12.23
C PHE A 80 -8.98 17.04 -12.81
N GLY A 81 -9.89 16.53 -11.99
CA GLY A 81 -11.27 16.27 -12.41
C GLY A 81 -11.51 14.84 -12.88
N ASP A 82 -10.51 13.98 -12.72
CA ASP A 82 -10.65 12.56 -13.02
C ASP A 82 -9.61 11.73 -12.25
N SER A 83 -9.85 10.42 -12.14
CA SER A 83 -8.89 9.46 -11.58
C SER A 83 -9.10 8.12 -12.23
N PHE A 84 -8.10 7.24 -12.14
CA PHE A 84 -8.24 5.92 -12.73
C PHE A 84 -9.09 4.99 -11.88
N VAL A 85 -10.07 4.39 -12.54
CA VAL A 85 -10.98 3.39 -11.96
C VAL A 85 -10.90 2.07 -12.76
N PHE A 86 -10.83 0.96 -12.02
CA PHE A 86 -10.90 -0.38 -12.59
C PHE A 86 -12.26 -0.68 -13.23
N GLU A 87 -12.21 -1.06 -14.52
CA GLU A 87 -13.42 -1.30 -15.33
C GLU A 87 -14.45 -2.20 -14.67
N GLY A 88 -13.97 -3.22 -13.96
CA GLY A 88 -14.85 -4.24 -13.41
C GLY A 88 -15.72 -3.74 -12.28
N MET A 89 -15.46 -2.54 -11.80
CA MET A 89 -16.25 -1.98 -10.72
C MET A 89 -17.05 -0.75 -11.05
N LEU A 90 -17.07 -0.40 -12.33
CA LEU A 90 -18.00 0.58 -12.83
C LEU A 90 -19.41 -0.01 -12.88
N ALA A 105 -3.46 -0.33 -18.47
CA ALA A 105 -4.13 -1.53 -19.05
C ALA A 105 -5.51 -1.18 -19.58
N PRO A 106 -6.03 -2.00 -20.49
CA PRO A 106 -7.38 -1.69 -20.96
C PRO A 106 -8.43 -1.68 -19.84
N TRP A 107 -8.15 -2.33 -18.72
CA TRP A 107 -9.10 -2.33 -17.59
C TRP A 107 -8.94 -1.13 -16.63
N TRP A 108 -8.06 -0.20 -16.97
CA TRP A 108 -7.96 1.06 -16.25
C TRP A 108 -8.50 2.19 -17.08
N LEU A 109 -9.51 2.86 -16.55
CA LEU A 109 -10.20 3.91 -17.27
C LEU A 109 -10.12 5.20 -16.48
N PRO A 110 -9.73 6.30 -17.15
CA PRO A 110 -9.75 7.63 -16.49
C PRO A 110 -11.19 8.12 -16.41
N VAL A 111 -11.76 8.13 -15.19
CA VAL A 111 -13.17 8.46 -15.00
C VAL A 111 -13.34 9.85 -14.42
N LYS A 112 -14.12 10.69 -15.09
CA LYS A 112 -14.36 12.05 -14.64
C LYS A 112 -15.17 12.02 -13.34
N GLY A 113 -14.74 12.80 -12.36
CA GLY A 113 -15.44 12.86 -11.08
C GLY A 113 -15.24 11.66 -10.16
N ALA A 114 -14.32 10.76 -10.51
CA ALA A 114 -13.81 9.74 -9.57
C ALA A 114 -12.73 10.35 -8.68
N ASN A 115 -12.91 10.21 -7.37
CA ASN A 115 -12.00 10.74 -6.35
C ASN A 115 -12.26 10.04 -5.02
N TRP A 116 -11.58 10.46 -3.94
CA TRP A 116 -11.65 9.69 -2.69
C TRP A 116 -13.07 9.59 -2.13
N ARG A 117 -13.93 10.57 -2.46
CA ARG A 117 -15.32 10.56 -1.95
C ARG A 117 -16.27 9.78 -2.85
N HIS A 118 -15.83 9.52 -4.08
CA HIS A 118 -16.65 8.90 -5.12
C HIS A 118 -15.79 7.89 -5.87
N PRO A 119 -15.45 6.78 -5.20
CA PRO A 119 -14.34 5.95 -5.69
C PRO A 119 -14.54 5.26 -7.04
N GLU A 120 -15.78 5.16 -7.52
CA GLU A 120 -16.02 4.65 -8.87
C GLU A 120 -16.60 5.72 -9.80
N GLY A 121 -16.53 6.99 -9.42
CA GLY A 121 -17.11 8.07 -10.21
C GLY A 121 -18.34 8.68 -9.54
N PRO A 122 -18.90 9.73 -10.15
CA PRO A 122 -19.79 10.68 -9.45
C PRO A 122 -20.94 10.09 -8.66
N ASP A 123 -21.51 8.98 -9.14
CA ASP A 123 -22.65 8.35 -8.46
C ASP A 123 -22.25 7.14 -7.60
N SER A 124 -21.01 7.13 -7.13
CA SER A 124 -20.61 6.24 -6.07
C SER A 124 -20.37 7.09 -4.84
N THR A 125 -20.31 6.44 -3.69
CA THR A 125 -20.18 7.13 -2.41
C THR A 125 -19.35 6.31 -1.41
N ILE A 126 -18.83 6.97 -0.38
CA ILE A 126 -18.17 6.28 0.71
C ILE A 126 -18.99 6.19 2.02
N LEU A 127 -20.28 6.58 1.98
CA LEU A 127 -21.06 6.68 3.22
C LEU A 127 -21.24 5.33 3.89
N HIS A 128 -21.20 4.27 3.09
CA HIS A 128 -21.38 2.90 3.58
C HIS A 128 -20.04 2.18 3.82
N ARG A 129 -18.93 2.86 3.54
CA ARG A 129 -17.61 2.26 3.72
C ARG A 129 -16.64 3.22 4.40
N PRO A 130 -17.02 3.76 5.58
CA PRO A 130 -16.19 4.79 6.18
C PRO A 130 -14.86 4.22 6.71
N ASP A 131 -14.86 2.91 7.02
CA ASP A 131 -13.68 2.23 7.63
C ASP A 131 -12.77 1.52 6.59
N HIS A 132 -13.10 1.67 5.32
CA HIS A 132 -12.28 1.17 4.24
C HIS A 132 -11.15 2.16 3.97
N PRO A 133 -10.05 1.70 3.34
CA PRO A 133 -8.97 2.61 3.00
C PRO A 133 -9.37 3.72 2.02
N VAL A 134 -8.82 4.90 2.25
CA VAL A 134 -9.00 6.00 1.33
C VAL A 134 -8.24 5.67 0.06
N LEU A 135 -8.91 5.96 -1.05
CA LEU A 135 -8.41 5.71 -2.40
C LEU A 135 -8.37 7.02 -3.19
N HIS A 136 -7.84 6.93 -4.41
CA HIS A 136 -7.65 8.09 -5.27
C HIS A 136 -6.82 9.21 -4.66
N VAL A 137 -5.83 8.82 -3.84
CA VAL A 137 -4.95 9.75 -3.16
C VAL A 137 -3.58 9.64 -3.81
N SER A 138 -3.05 10.78 -4.24
CA SER A 138 -1.72 10.80 -4.84
C SER A 138 -0.62 10.74 -3.78
N TRP A 139 0.63 10.64 -4.23
CA TRP A 139 1.77 10.69 -3.33
C TRP A 139 1.75 12.03 -2.56
N ASN A 140 1.48 13.11 -3.28
CA ASN A 140 1.43 14.44 -2.68
C ASN A 140 0.32 14.54 -1.64
N ASP A 141 -0.85 13.99 -1.96
CA ASP A 141 -1.98 13.91 -1.02
C ASP A 141 -1.57 13.16 0.25
N ALA A 142 -0.90 12.03 0.07
CA ALA A 142 -0.43 11.19 1.18
C ALA A 142 0.53 11.90 2.12
N VAL A 143 1.50 12.60 1.54
CA VAL A 143 2.47 13.37 2.28
C VAL A 143 1.76 14.50 3.07
N ALA A 144 0.77 15.14 2.44
CA ALA A 144 -0.02 16.18 3.09
C ALA A 144 -0.75 15.65 4.34
N TYR A 145 -1.40 14.50 4.17
CA TYR A 145 -2.09 13.85 5.27
C TYR A 145 -1.10 13.50 6.38
N CYS A 146 -0.05 12.78 6.01
CA CYS A 146 0.84 12.23 7.04
C CYS A 146 1.48 13.39 7.83
N THR A 147 1.94 14.42 7.12
CA THR A 147 2.60 15.55 7.76
C THR A 147 1.59 16.29 8.64
N TRP A 148 0.36 16.46 8.14
CA TRP A 148 -0.74 17.01 8.97
C TRP A 148 -0.86 16.25 10.29
N ALA A 149 -0.74 14.91 10.20
CA ALA A 149 -0.95 14.03 11.35
C ALA A 149 0.27 13.93 12.29
N GLY A 150 1.33 14.66 11.98
CA GLY A 150 2.57 14.63 12.78
C GLY A 150 3.43 13.44 12.41
N LYS A 151 3.25 12.94 11.19
CA LYS A 151 3.87 11.70 10.73
C LYS A 151 4.55 11.93 9.37
N ARG A 152 4.86 10.86 8.66
CA ARG A 152 5.53 10.92 7.38
C ARG A 152 5.21 9.63 6.65
N LEU A 153 5.49 9.59 5.35
CA LEU A 153 5.48 8.29 4.66
C LEU A 153 6.64 7.44 5.14
N PRO A 154 6.48 6.11 5.12
CA PRO A 154 7.65 5.28 5.34
C PRO A 154 8.52 5.24 4.07
N THR A 155 9.79 4.94 4.25
CA THR A 155 10.68 4.63 3.13
C THR A 155 10.30 3.24 2.68
N GLU A 156 10.81 2.84 1.53
CA GLU A 156 10.49 1.53 0.99
C GLU A 156 11.06 0.48 1.90
N ALA A 157 12.29 0.72 2.38
CA ALA A 157 12.97 -0.21 3.24
C ALA A 157 12.24 -0.39 4.59
N GLU A 158 11.83 0.70 5.21
CA GLU A 158 10.98 0.63 6.41
C GLU A 158 9.70 -0.15 6.13
N TRP A 159 9.07 0.16 4.99
CA TRP A 159 7.82 -0.48 4.63
C TRP A 159 8.03 -2.00 4.49
N GLU A 160 9.01 -2.41 3.68
CA GLU A 160 9.25 -3.84 3.50
C GLU A 160 9.65 -4.56 4.81
N TYR A 161 10.53 -3.95 5.59
CA TYR A 161 10.89 -4.48 6.90
C TYR A 161 9.63 -4.75 7.73
N SER A 162 8.76 -3.75 7.80
CA SER A 162 7.50 -3.86 8.55
C SER A 162 6.55 -4.93 7.97
N CYS A 163 6.46 -4.96 6.65
CA CYS A 163 5.66 -5.95 5.93
C CYS A 163 6.08 -7.36 6.34
N ARG A 164 7.40 -7.60 6.41
CA ARG A 164 7.94 -8.93 6.65
C ARG A 164 7.63 -9.41 8.08
N GLY A 165 7.30 -8.49 8.98
CA GLY A 165 6.72 -8.85 10.27
C GLY A 165 7.62 -9.74 11.12
N GLY A 166 8.93 -9.56 10.98
CA GLY A 166 9.91 -10.26 11.84
C GLY A 166 10.33 -11.64 11.37
N LEU A 167 9.83 -12.04 10.21
CA LEU A 167 10.23 -13.28 9.56
C LEU A 167 11.30 -12.99 8.48
N HIS A 168 12.17 -13.97 8.22
CA HIS A 168 13.25 -13.81 7.23
C HIS A 168 12.98 -14.54 5.92
N ASN A 169 13.05 -13.79 4.80
CA ASN A 169 13.05 -14.35 3.44
C ASN A 169 11.79 -15.15 3.10
N ARG A 170 10.64 -14.67 3.58
CA ARG A 170 9.36 -15.27 3.27
C ARG A 170 8.66 -14.43 2.23
N LEU A 171 7.74 -15.09 1.52
CA LEU A 171 6.95 -14.46 0.47
C LEU A 171 6.00 -13.41 1.01
N PHE A 172 5.35 -13.74 2.13
CA PHE A 172 4.23 -13.00 2.68
C PHE A 172 4.47 -12.61 4.12
N PRO A 173 3.74 -11.59 4.59
CA PRO A 173 3.91 -11.18 5.99
C PRO A 173 3.86 -12.36 7.00
N TRP A 174 3.11 -13.39 6.65
CA TRP A 174 2.82 -14.53 7.55
C TRP A 174 3.59 -15.80 7.18
N GLY A 175 4.35 -15.79 6.07
CA GLY A 175 5.06 -17.00 5.65
C GLY A 175 4.99 -17.25 4.15
N ASN A 176 5.18 -18.51 3.75
CA ASN A 176 5.27 -18.87 2.32
C ASN A 176 3.99 -19.46 1.71
N LYS A 177 3.01 -19.83 2.54
CA LYS A 177 1.71 -20.34 2.05
C LYS A 177 0.73 -19.19 1.87
N LEU A 178 0.01 -19.16 0.74
CA LEU A 178 -0.94 -18.07 0.50
C LEU A 178 -2.13 -18.15 1.46
N GLN A 179 -2.62 -19.37 1.68
CA GLN A 179 -3.71 -19.64 2.62
C GLN A 179 -3.27 -20.58 3.75
N PRO A 180 -2.54 -20.04 4.73
CA PRO A 180 -2.10 -20.86 5.85
C PRO A 180 -3.30 -21.44 6.61
N LYS A 181 -3.30 -22.75 6.84
CA LYS A 181 -4.36 -23.43 7.60
C LYS A 181 -5.71 -23.25 6.86
N GLY A 182 -5.63 -23.14 5.54
CA GLY A 182 -6.79 -22.88 4.71
C GLY A 182 -7.53 -21.57 4.95
N GLN A 183 -6.89 -20.62 5.62
CA GLN A 183 -7.52 -19.34 5.95
C GLN A 183 -7.01 -18.27 4.99
N HIS A 184 -7.89 -17.36 4.60
CA HIS A 184 -7.49 -16.15 3.89
C HIS A 184 -6.84 -15.16 4.85
N TYR A 185 -5.66 -14.65 4.44
CA TYR A 185 -4.86 -13.74 5.23
C TYR A 185 -4.72 -12.31 4.66
N ALA A 186 -5.36 -12.02 3.52
CA ALA A 186 -5.22 -10.75 2.80
C ALA A 186 -6.32 -10.66 1.74
N ASN A 187 -6.67 -9.43 1.40
CA ASN A 187 -7.73 -9.16 0.44
C ASN A 187 -7.11 -8.98 -0.93
N ILE A 188 -7.09 -10.08 -1.69
CA ILE A 188 -6.68 -10.05 -3.11
C ILE A 188 -7.84 -10.56 -4.02
N TRP A 189 -7.50 -11.02 -5.22
CA TRP A 189 -8.50 -11.47 -6.18
C TRP A 189 -8.59 -12.99 -6.15
N GLN A 190 -9.79 -13.54 -6.18
CA GLN A 190 -9.99 -14.94 -6.53
C GLN A 190 -10.89 -15.00 -7.75
N GLY A 191 -10.68 -15.98 -8.61
CA GLY A 191 -11.47 -16.09 -9.83
C GLY A 191 -10.64 -15.78 -11.06
N GLU A 192 -11.31 -15.49 -12.17
CA GLU A 192 -10.63 -15.20 -13.43
C GLU A 192 -10.53 -13.69 -13.64
N PHE A 193 -9.33 -13.14 -13.47
CA PHE A 193 -9.12 -11.70 -13.65
C PHE A 193 -9.06 -11.40 -15.13
N PRO A 194 -9.73 -10.32 -15.58
CA PRO A 194 -10.52 -9.31 -14.87
C PRO A 194 -12.03 -9.54 -14.89
N VAL A 195 -12.44 -10.69 -15.39
CA VAL A 195 -13.85 -10.91 -15.71
C VAL A 195 -14.66 -11.24 -14.46
N THR A 196 -14.09 -12.07 -13.59
CA THR A 196 -14.82 -12.65 -12.47
C THR A 196 -13.98 -12.62 -11.19
N ASN A 197 -14.44 -11.83 -10.23
CA ASN A 197 -13.90 -11.87 -8.87
C ASN A 197 -14.95 -12.58 -8.03
N THR A 198 -14.61 -13.78 -7.56
CA THR A 198 -15.57 -14.61 -6.83
C THR A 198 -15.91 -14.04 -5.45
N GLY A 199 -15.05 -13.17 -4.92
CA GLY A 199 -15.22 -12.63 -3.58
C GLY A 199 -15.08 -13.69 -2.49
N GLU A 200 -14.33 -14.75 -2.78
CA GLU A 200 -14.13 -15.87 -1.86
C GLU A 200 -13.54 -15.41 -0.52
N ASP A 201 -12.68 -14.40 -0.55
CA ASP A 201 -12.00 -13.96 0.69
C ASP A 201 -12.87 -13.00 1.48
N GLY A 202 -14.06 -12.71 0.93
CA GLY A 202 -15.11 -11.97 1.63
C GLY A 202 -15.25 -10.52 1.18
N PHE A 203 -14.48 -10.12 0.16
CA PHE A 203 -14.47 -8.73 -0.35
C PHE A 203 -14.10 -8.68 -1.82
N GLN A 204 -14.97 -8.14 -2.65
CA GLN A 204 -14.63 -7.95 -4.06
C GLN A 204 -13.80 -6.67 -4.26
N GLY A 205 -14.26 -5.58 -3.65
CA GLY A 205 -13.52 -4.34 -3.60
C GLY A 205 -12.66 -4.37 -2.35
N THR A 206 -12.48 -3.19 -1.73
CA THR A 206 -11.72 -3.10 -0.51
C THR A 206 -12.48 -3.72 0.65
N ALA A 207 -11.70 -3.99 1.69
CA ALA A 207 -12.21 -4.40 2.99
C ALA A 207 -11.94 -3.28 3.99
N PRO A 208 -12.60 -3.34 5.16
CA PRO A 208 -12.24 -2.44 6.23
C PRO A 208 -10.77 -2.54 6.54
N VAL A 209 -10.21 -1.42 6.97
CA VAL A 209 -8.76 -1.36 7.25
C VAL A 209 -8.29 -2.29 8.37
N ASP A 210 -9.20 -2.71 9.25
CA ASP A 210 -8.87 -3.68 10.30
C ASP A 210 -9.25 -5.12 9.97
N ALA A 211 -9.53 -5.42 8.71
CA ALA A 211 -9.87 -6.77 8.28
C ALA A 211 -8.62 -7.66 8.24
N PHE A 212 -8.83 -8.96 8.40
CA PHE A 212 -7.78 -9.98 8.21
C PHE A 212 -6.80 -9.96 9.38
N PRO A 213 -6.05 -11.05 9.57
CA PRO A 213 -5.17 -11.08 10.73
C PRO A 213 -4.02 -10.07 10.62
N PRO A 214 -3.49 -9.61 11.77
CA PRO A 214 -2.31 -8.77 11.76
C PRO A 214 -1.12 -9.65 11.47
N ASN A 215 -0.01 -9.05 11.03
CA ASN A 215 1.25 -9.74 10.94
C ASN A 215 1.95 -9.66 12.29
N GLY A 216 3.19 -10.12 12.34
CA GLY A 216 3.92 -10.28 13.59
C GLY A 216 4.23 -8.98 14.33
N TYR A 217 4.18 -7.86 13.63
CA TYR A 217 4.37 -6.54 14.24
C TYR A 217 3.06 -5.81 14.54
N GLY A 218 1.92 -6.43 14.21
CA GLY A 218 0.61 -5.83 14.48
C GLY A 218 0.03 -5.00 13.37
N LEU A 219 0.53 -5.23 12.16
CA LEU A 219 0.09 -4.52 10.97
C LEU A 219 -1.00 -5.27 10.20
N TYR A 220 -2.00 -4.51 9.77
CA TYR A 220 -3.17 -5.02 9.04
C TYR A 220 -3.07 -4.65 7.56
N ASN A 221 -3.34 -5.62 6.68
CA ASN A 221 -3.49 -5.40 5.24
C ASN A 221 -2.32 -4.71 4.59
N ILE A 222 -1.14 -5.03 5.10
CA ILE A 222 0.09 -4.52 4.56
C ILE A 222 0.38 -5.12 3.17
N VAL A 223 -0.04 -6.38 2.94
CA VAL A 223 -0.22 -6.83 1.56
C VAL A 223 -1.71 -6.90 1.27
N GLY A 224 -2.05 -6.58 0.03
CA GLY A 224 -3.43 -6.56 -0.45
C GLY A 224 -4.24 -5.37 0.03
N ASN A 225 -5.53 -5.38 -0.32
CA ASN A 225 -6.48 -4.32 -0.01
C ASN A 225 -6.11 -3.08 -0.84
N ALA A 226 -5.48 -2.06 -0.26
CA ALA A 226 -4.97 -0.96 -1.11
C ALA A 226 -3.47 -1.06 -1.28
N TRP A 227 -2.96 -0.75 -2.48
CA TRP A 227 -1.56 -0.42 -2.62
C TRP A 227 -1.15 0.71 -1.66
N GLU A 228 0.14 0.77 -1.35
CA GLU A 228 0.64 1.75 -0.38
C GLU A 228 1.83 2.56 -0.87
N TRP A 229 1.66 3.88 -0.88
CA TRP A 229 2.73 4.80 -1.26
C TRP A 229 3.88 4.72 -0.26
N THR A 230 5.11 4.88 -0.75
CA THR A 230 6.29 5.04 0.13
C THR A 230 7.04 6.33 -0.29
N SER A 231 8.02 6.76 0.50
CA SER A 231 8.72 8.04 0.26
C SER A 231 9.73 7.99 -0.90
N ASP A 232 10.22 6.81 -1.25
CA ASP A 232 11.35 6.63 -2.20
C ASP A 232 11.03 7.01 -3.64
N TRP A 233 11.98 7.68 -4.29
CA TRP A 233 12.04 7.68 -5.74
C TRP A 233 12.30 6.25 -6.20
N TRP A 234 11.71 5.86 -7.33
CA TRP A 234 11.86 4.52 -7.91
C TRP A 234 13.17 4.36 -8.70
N THR A 235 13.82 3.24 -8.51
CA THR A 235 14.87 2.74 -9.41
C THR A 235 14.81 1.22 -9.33
N VAL A 236 15.39 0.57 -10.33
CA VAL A 236 15.48 -0.89 -10.35
C VAL A 236 16.94 -1.33 -10.15
N HIS A 237 17.82 -0.36 -9.95
CA HIS A 237 19.23 -0.63 -9.80
C HIS A 237 19.66 -0.49 -8.33
N HIS A 238 19.80 -1.64 -7.67
CA HIS A 238 20.22 -1.68 -6.27
C HIS A 238 21.59 -2.36 -6.08
N SER A 239 22.40 -1.82 -5.17
CA SER A 239 23.65 -2.48 -4.76
C SER A 239 23.39 -3.54 -3.69
N VAL A 240 24.31 -4.50 -3.59
CA VAL A 240 24.28 -5.49 -2.51
C VAL A 240 25.02 -4.97 -1.29
N GLU A 241 25.50 -3.72 -1.36
CA GLU A 241 26.15 -3.11 -0.21
C GLU A 241 25.16 -3.15 0.94
N GLU A 242 25.68 -3.17 2.16
CA GLU A 242 24.81 -3.03 3.31
C GLU A 242 24.55 -1.55 3.51
N THR A 243 23.39 -1.21 4.06
CA THR A 243 23.03 0.19 4.30
C THR A 243 22.23 0.37 5.56
N LEU A 244 22.13 1.62 5.97
CA LEU A 244 21.50 2.03 7.22
C LEU A 244 20.42 3.06 6.91
N ASN A 245 19.18 2.73 7.25
CA ASN A 245 18.06 3.61 7.00
C ASN A 245 18.08 4.23 5.60
N PRO A 246 18.20 3.38 4.57
CA PRO A 246 18.35 3.92 3.23
C PRO A 246 17.09 4.65 2.76
N LYS A 247 17.27 5.73 2.00
CA LYS A 247 16.15 6.57 1.55
C LYS A 247 15.76 6.39 0.07
N GLY A 248 16.42 5.46 -0.61
CA GLY A 248 16.26 5.32 -2.05
C GLY A 248 17.12 6.34 -2.77
N PRO A 249 17.04 6.38 -4.12
CA PRO A 249 17.88 7.28 -4.90
C PRO A 249 17.48 8.74 -4.73
N PRO A 250 18.43 9.67 -4.96
CA PRO A 250 18.23 11.09 -4.76
C PRO A 250 17.33 11.75 -5.79
N SER A 251 17.13 11.11 -6.94
CA SER A 251 16.23 11.64 -7.94
C SER A 251 15.46 10.54 -8.61
N GLY A 252 14.43 10.95 -9.36
CA GLY A 252 13.65 10.03 -10.15
C GLY A 252 12.44 10.74 -10.73
N LYS A 253 11.57 9.97 -11.35
CA LYS A 253 10.33 10.50 -11.93
C LYS A 253 9.08 9.82 -11.37
N ASP A 254 9.25 8.62 -10.83
CA ASP A 254 8.17 7.88 -10.21
C ASP A 254 8.50 7.55 -8.76
N ARG A 255 7.48 7.52 -7.91
CA ARG A 255 7.67 7.12 -6.52
C ARG A 255 7.28 5.64 -6.35
N VAL A 256 7.88 5.00 -5.35
CA VAL A 256 7.69 3.58 -5.08
C VAL A 256 6.40 3.36 -4.30
N LYS A 257 5.61 2.39 -4.77
CA LYS A 257 4.43 1.84 -4.06
C LYS A 257 4.59 0.34 -3.79
N LYS A 258 3.98 -0.14 -2.72
CA LYS A 258 4.21 -1.52 -2.27
C LYS A 258 2.93 -2.20 -1.84
N GLY A 259 2.99 -3.53 -1.86
CA GLY A 259 2.04 -4.36 -1.15
C GLY A 259 0.93 -5.03 -1.96
N GLY A 260 0.63 -4.52 -3.14
CA GLY A 260 -0.47 -5.05 -3.90
C GLY A 260 -1.82 -4.69 -3.33
N SER A 261 -2.87 -5.04 -4.09
CA SER A 261 -4.23 -4.63 -3.83
C SER A 261 -5.25 -5.78 -3.96
N TYR A 262 -6.50 -5.42 -3.69
CA TYR A 262 -7.65 -6.34 -3.93
C TYR A 262 -7.80 -6.86 -5.36
N MET A 263 -7.07 -6.27 -6.30
CA MET A 263 -7.13 -6.67 -7.71
C MET A 263 -6.16 -7.77 -8.06
N CYS A 264 -5.15 -8.00 -7.21
CA CYS A 264 -4.03 -8.87 -7.59
C CYS A 264 -4.39 -10.35 -7.59
N HIS A 265 -3.86 -11.06 -8.57
CA HIS A 265 -4.03 -12.52 -8.69
C HIS A 265 -2.78 -13.06 -9.34
N ARG A 266 -2.42 -14.28 -8.99
CA ARG A 266 -1.17 -14.89 -9.44
C ARG A 266 -1.05 -14.98 -10.97
N SER A 267 -2.20 -15.06 -11.64
CA SER A 267 -2.29 -15.24 -13.08
C SER A 267 -1.66 -14.10 -13.87
N TYR A 268 -1.82 -12.86 -13.39
CA TYR A 268 -1.31 -11.70 -14.11
C TYR A 268 -0.52 -10.70 -13.25
N CYS A 269 -0.46 -10.91 -11.94
CA CYS A 269 0.04 -9.89 -11.02
C CYS A 269 1.15 -10.19 -9.99
C CYS A 269 0.44 -10.84 -9.87
N TYR A 270 0.97 -11.16 -9.13
N TYR A 270 1.55 -10.64 -9.21
CA TYR A 270 1.96 -11.52 -8.10
C TYR A 270 2.67 -10.48 -7.27
N ARG A 271 1.95 -9.43 -6.89
CA ARG A 271 2.54 -8.28 -6.19
C ARG A 271 2.13 -8.13 -4.72
N TYR A 272 1.43 -9.14 -4.19
CA TYR A 272 1.06 -9.21 -2.75
C TYR A 272 2.19 -9.88 -1.94
N ARG A 273 3.42 -9.69 -2.38
CA ARG A 273 4.60 -10.16 -1.67
C ARG A 273 5.33 -8.97 -1.08
N CYS A 274 5.93 -9.13 0.10
CA CYS A 274 6.64 -8.00 0.70
C CYS A 274 7.78 -7.47 -0.20
N ALA A 275 8.44 -8.38 -0.92
CA ALA A 275 9.57 -8.01 -1.79
C ALA A 275 9.15 -7.29 -3.07
N ALA A 276 7.90 -7.48 -3.46
CA ALA A 276 7.39 -6.90 -4.70
C ALA A 276 7.40 -5.37 -4.61
N ARG A 277 7.38 -4.74 -5.77
CA ARG A 277 7.44 -3.28 -5.84
C ARG A 277 6.99 -2.79 -7.20
N SER A 278 6.37 -1.61 -7.21
CA SER A 278 5.97 -0.98 -8.46
C SER A 278 6.03 0.53 -8.24
N GLN A 279 5.59 1.30 -9.22
CA GLN A 279 5.79 2.74 -9.20
C GLN A 279 4.65 3.47 -9.87
N ASN A 280 4.52 4.75 -9.55
CA ASN A 280 3.67 5.68 -10.27
C ASN A 280 4.25 7.08 -10.17
N THR A 281 3.86 7.96 -11.09
CA THR A 281 4.21 9.37 -10.92
C THR A 281 3.51 9.90 -9.66
N PRO A 282 4.20 10.79 -8.92
CA PRO A 282 3.69 11.29 -7.64
C PRO A 282 2.34 11.99 -7.69
N ASP A 283 1.88 12.41 -8.88
CA ASP A 283 0.57 13.02 -9.03
C ASP A 283 -0.50 12.04 -9.50
N SER A 284 -0.14 10.76 -9.60
CA SER A 284 -1.08 9.71 -10.00
C SER A 284 -2.01 9.32 -8.86
N SER A 285 -3.17 8.80 -9.24
CA SER A 285 -4.16 8.33 -8.27
C SER A 285 -5.01 7.25 -8.96
N ALA A 286 -5.49 6.31 -8.16
CA ALA A 286 -6.22 5.16 -8.66
C ALA A 286 -7.14 4.56 -7.58
N SER A 287 -8.12 3.80 -8.06
CA SER A 287 -9.14 3.16 -7.20
C SER A 287 -8.62 1.98 -6.35
N ASN A 288 -7.33 1.63 -6.47
CA ASN A 288 -6.74 0.57 -5.65
C ASN A 288 -5.50 1.01 -4.91
N LEU A 289 -5.31 2.32 -4.79
CA LEU A 289 -4.07 2.87 -4.28
C LEU A 289 -4.34 3.83 -3.14
N GLY A 290 -3.64 3.57 -2.03
CA GLY A 290 -3.76 4.38 -0.84
C GLY A 290 -2.43 4.43 -0.10
N PHE A 291 -2.49 4.44 1.22
CA PHE A 291 -1.26 4.61 2.02
C PHE A 291 -1.47 4.43 3.50
N ARG A 292 -0.34 4.32 4.21
CA ARG A 292 -0.27 4.42 5.66
C ARG A 292 0.94 5.31 6.01
N CYS A 293 0.91 5.88 7.21
CA CYS A 293 2.01 6.72 7.68
C CYS A 293 2.96 6.00 8.63
N ALA A 294 4.13 6.61 8.82
CA ALA A 294 5.13 6.21 9.85
C ALA A 294 5.62 7.45 10.60
N ALA A 295 6.36 7.24 11.69
CA ALA A 295 6.90 8.35 12.44
C ALA A 295 8.15 7.89 13.18
N ASP A 296 9.10 8.80 13.34
CA ASP A 296 10.29 8.56 14.15
C ASP A 296 9.92 8.33 15.60
N ARG A 297 9.02 9.17 16.10
CA ARG A 297 8.56 9.08 17.47
C ARG A 297 7.03 9.24 17.50
N LEU A 298 6.40 8.94 18.63
CA LEU A 298 4.94 9.03 18.74
C LEU A 298 4.46 10.47 18.63
N PRO A 299 3.49 10.75 17.74
CA PRO A 299 3.01 12.14 17.66
C PRO A 299 1.98 12.48 18.74
C1 NAG B . -16.37 16.35 8.94
C2 NAG B . -16.79 15.26 9.93
C3 NAG B . -18.29 14.98 9.88
C4 NAG B . -19.07 16.29 9.98
C5 NAG B . -18.57 17.22 8.87
C6 NAG B . -19.36 18.52 8.77
C7 NAG B . -15.21 13.45 10.50
C8 NAG B . -14.63 12.14 10.07
N2 NAG B . -16.05 14.04 9.64
O3 NAG B . -18.67 14.10 10.92
O4 NAG B . -20.46 16.03 9.88
O5 NAG B . -17.20 17.49 9.09
O6 NAG B . -19.03 19.35 9.87
O7 NAG B . -14.91 13.94 11.59
CA CA C . -2.57 -2.58 1.71
CA CA D . -10.84 -10.08 -2.36
#